data_6DYW
#
_entry.id   6DYW
#
_cell.length_a   73.346
_cell.length_b   73.346
_cell.length_c   176.378
_cell.angle_alpha   90.00
_cell.angle_beta   90.00
_cell.angle_gamma   90.00
#
_symmetry.space_group_name_H-M   'P 41 21 2'
#
loop_
_entity.id
_entity.type
_entity.pdbx_description
1 polymer "5'-methylthioadenosine/S-adenosylhomocysteine nucleosidase"
2 non-polymer 1,2-ETHANEDIOL
3 non-polymer (3R,4S)-1-[(4-amino-5H-pyrrolo[3,2-d]pyrimidin-7-yl)methyl]-4-({[3-(1-benzyl-1H-1,2,3-triazol-4-yl)propyl]sulfanyl}methyl)pyrrolidin-3-ol
4 non-polymer 'AMMONIUM ION'
5 water water
#
_entity_poly.entity_id   1
_entity_poly.type   'polypeptide(L)'
_entity_poly.pdbx_seq_one_letter_code
;MGHHHHHHENLYFQGVQKIGILGAMREEITPILELFGVDFEEIPLGGNVFHKGVYHNKEIIVAYSKIGKVHSTLTTTSMI
LAFGVQKVLFSGVAGSLVKDLKINDLLVATQLVQHDVDLSAFDHPLGFIPESAIFIETSGSLNALAKKIANEQHIALKEG
VIASGDQFVHSKERKEFLVSEFKASAVEMEGASVAFVCQKFGVPCCVLRSISDNADEKAGMSFDEFLEKSAHTSAKFLKS
MVDEL
;
_entity_poly.pdbx_strand_id   A,B
#
loop_
_chem_comp.id
_chem_comp.type
_chem_comp.name
_chem_comp.formula
EDO non-polymer 1,2-ETHANEDIOL 'C2 H6 O2'
NH4 non-polymer 'AMMONIUM ION' 'H4 N 1'
OS5 non-polymer (3R,4S)-1-[(4-amino-5H-pyrrolo[3,2-d]pyrimidin-7-yl)methyl]-4-({[3-(1-benzyl-1H-1,2,3-triazol-4-yl)propyl]sulfanyl}methyl)pyrrolidin-3-ol 'C24 H30 N8 O S'
#
# COMPACT_ATOMS: atom_id res chain seq x y z
N GLN A 14 32.83 -20.52 0.20
CA GLN A 14 31.38 -20.84 0.40
C GLN A 14 30.55 -20.57 -0.85
N GLY A 15 30.53 -19.30 -1.28
CA GLY A 15 29.59 -18.81 -2.29
C GLY A 15 28.66 -17.80 -1.63
N VAL A 16 28.14 -16.85 -2.43
CA VAL A 16 27.24 -15.82 -1.91
C VAL A 16 25.86 -16.45 -1.62
N GLN A 17 25.33 -16.14 -0.44
CA GLN A 17 24.05 -16.68 0.01
C GLN A 17 22.95 -16.02 -0.81
N LYS A 18 22.04 -16.82 -1.36
CA LYS A 18 20.90 -16.31 -2.14
C LYS A 18 19.62 -16.53 -1.33
N ILE A 19 18.93 -15.44 -1.04
CA ILE A 19 17.72 -15.46 -0.21
C ILE A 19 16.53 -14.97 -1.03
N GLY A 20 15.47 -15.79 -1.13
CA GLY A 20 14.23 -15.40 -1.77
C GLY A 20 13.31 -14.77 -0.74
N ILE A 21 12.71 -13.65 -1.11
CA ILE A 21 11.82 -12.92 -0.23
C ILE A 21 10.51 -12.71 -1.00
N LEU A 22 9.41 -13.22 -0.46
N LEU A 22 9.41 -13.22 -0.46
CA LEU A 22 8.13 -13.24 -1.17
CA LEU A 22 8.14 -13.24 -1.17
C LEU A 22 7.02 -12.58 -0.39
C LEU A 22 7.01 -12.59 -0.39
N GLY A 23 6.18 -11.82 -1.10
CA GLY A 23 4.86 -11.43 -0.64
C GLY A 23 3.85 -11.94 -1.68
N ALA A 24 2.56 -11.82 -1.38
CA ALA A 24 1.51 -12.16 -2.35
C ALA A 24 1.08 -10.97 -3.20
N MET A 25 0.99 -9.79 -2.58
CA MET A 25 0.50 -8.57 -3.25
C MET A 25 1.63 -7.56 -3.35
N ARG A 26 1.54 -6.66 -4.33
CA ARG A 26 2.54 -5.58 -4.45
C ARG A 26 2.70 -4.82 -3.14
N GLU A 27 1.59 -4.57 -2.47
CA GLU A 27 1.56 -3.83 -1.21
C GLU A 27 2.37 -4.51 -0.11
N GLU A 28 2.53 -5.84 -0.18
CA GLU A 28 3.32 -6.57 0.80
C GLU A 28 4.82 -6.46 0.55
N ILE A 29 5.23 -6.20 -0.69
CA ILE A 29 6.66 -6.05 -0.99
C ILE A 29 7.14 -4.59 -1.09
N THR A 30 6.23 -3.64 -1.26
CA THR A 30 6.59 -2.20 -1.26
C THR A 30 7.46 -1.84 -0.03
N PRO A 31 7.01 -2.17 1.19
CA PRO A 31 7.88 -1.87 2.35
C PRO A 31 9.17 -2.68 2.40
N ILE A 32 9.18 -3.90 1.85
CA ILE A 32 10.39 -4.69 1.79
C ILE A 32 11.44 -3.98 0.92
N LEU A 33 11.03 -3.59 -0.27
CA LEU A 33 11.97 -2.91 -1.18
C LEU A 33 12.52 -1.62 -0.56
N GLU A 34 11.63 -0.85 0.07
N GLU A 34 11.63 -0.85 0.07
CA GLU A 34 12.00 0.42 0.71
CA GLU A 34 12.00 0.41 0.70
C GLU A 34 12.93 0.22 1.89
C GLU A 34 12.94 0.21 1.89
N LEU A 35 12.63 -0.74 2.76
CA LEU A 35 13.43 -0.98 3.96
C LEU A 35 14.85 -1.48 3.64
N PHE A 36 15.00 -2.34 2.64
CA PHE A 36 16.34 -2.82 2.29
C PHE A 36 17.17 -1.69 1.68
N GLY A 37 16.53 -0.81 0.93
CA GLY A 37 17.16 0.45 0.50
C GLY A 37 18.33 0.31 -0.42
N VAL A 38 18.37 -0.79 -1.18
CA VAL A 38 19.45 -1.05 -2.13
C VAL A 38 18.90 -0.97 -3.54
N ASP A 39 19.80 -0.96 -4.52
CA ASP A 39 19.41 -0.93 -5.92
C ASP A 39 19.01 -2.33 -6.33
N PHE A 40 17.89 -2.45 -7.03
CA PHE A 40 17.41 -3.73 -7.52
C PHE A 40 17.35 -3.75 -9.04
N GLU A 41 17.81 -4.85 -9.64
CA GLU A 41 17.59 -5.15 -11.05
C GLU A 41 16.24 -5.85 -11.17
N GLU A 42 15.37 -5.37 -12.06
CA GLU A 42 14.07 -6.00 -12.31
C GLU A 42 14.17 -7.00 -13.44
N ILE A 43 13.79 -8.24 -13.16
CA ILE A 43 13.93 -9.34 -14.11
C ILE A 43 12.56 -10.01 -14.27
N PRO A 44 11.96 -9.95 -15.48
CA PRO A 44 10.66 -10.60 -15.71
C PRO A 44 10.82 -12.08 -16.03
N LEU A 45 9.94 -12.91 -15.46
CA LEU A 45 9.93 -14.34 -15.74
C LEU A 45 8.59 -14.90 -15.29
N GLY A 46 7.92 -15.64 -16.17
CA GLY A 46 6.71 -16.36 -15.81
C GLY A 46 5.58 -15.50 -15.27
N GLY A 47 5.47 -14.26 -15.73
CA GLY A 47 4.43 -13.35 -15.28
C GLY A 47 4.72 -12.64 -13.96
N ASN A 48 5.92 -12.86 -13.40
CA ASN A 48 6.36 -12.16 -12.21
C ASN A 48 7.52 -11.23 -12.55
N VAL A 49 7.76 -10.25 -11.67
CA VAL A 49 8.96 -9.41 -11.74
C VAL A 49 9.78 -9.68 -10.50
N PHE A 50 11.01 -10.13 -10.70
CA PHE A 50 11.94 -10.43 -9.60
C PHE A 50 12.90 -9.27 -9.43
N HIS A 51 13.05 -8.80 -8.20
CA HIS A 51 13.91 -7.66 -7.86
C HIS A 51 15.17 -8.23 -7.23
N LYS A 52 16.29 -8.15 -7.95
CA LYS A 52 17.54 -8.76 -7.54
C LYS A 52 18.51 -7.68 -7.08
N GLY A 53 18.97 -7.81 -5.83
CA GLY A 53 19.91 -6.87 -5.21
C GLY A 53 20.93 -7.53 -4.32
N VAL A 54 21.90 -6.75 -3.82
CA VAL A 54 22.93 -7.27 -2.93
C VAL A 54 22.80 -6.55 -1.61
N TYR A 55 22.92 -7.30 -0.53
CA TYR A 55 22.76 -6.78 0.83
C TYR A 55 23.59 -7.64 1.79
N HIS A 56 24.67 -7.07 2.37
CA HIS A 56 25.48 -7.74 3.42
C HIS A 56 26.00 -9.15 3.08
N ASN A 57 26.69 -9.26 1.94
CA ASN A 57 27.24 -10.53 1.42
C ASN A 57 26.15 -11.52 1.00
N LYS A 58 24.92 -11.02 0.82
CA LYS A 58 23.79 -11.85 0.42
C LYS A 58 23.15 -11.26 -0.82
N GLU A 59 22.74 -12.14 -1.71
CA GLU A 59 21.95 -11.77 -2.85
C GLU A 59 20.49 -11.95 -2.44
N ILE A 60 19.70 -10.89 -2.52
CA ILE A 60 18.29 -10.94 -2.18
C ILE A 60 17.44 -10.85 -3.45
N ILE A 61 16.46 -11.74 -3.57
CA ILE A 61 15.57 -11.79 -4.73
C ILE A 61 14.17 -11.60 -4.16
N VAL A 62 13.55 -10.47 -4.48
CA VAL A 62 12.25 -10.08 -3.93
C VAL A 62 11.19 -10.12 -5.02
N ALA A 63 10.02 -10.68 -4.72
CA ALA A 63 8.90 -10.65 -5.67
C ALA A 63 7.60 -10.76 -4.96
N TYR A 64 6.52 -10.26 -5.57
CA TYR A 64 5.18 -10.62 -5.13
C TYR A 64 4.61 -11.62 -6.13
N SER A 65 3.95 -12.66 -5.61
CA SER A 65 3.50 -13.74 -6.47
C SER A 65 2.23 -13.44 -7.26
N LYS A 66 1.41 -12.54 -6.74
CA LYS A 66 -0.04 -12.39 -7.03
C LYS A 66 -0.80 -13.37 -6.12
N ILE A 67 -2.10 -13.15 -6.00
CA ILE A 67 -2.89 -13.73 -4.93
C ILE A 67 -3.18 -15.22 -5.17
N GLY A 68 -3.11 -16.00 -4.08
CA GLY A 68 -3.64 -17.37 -4.11
C GLY A 68 -2.62 -18.46 -4.29
N LYS A 69 -3.14 -19.69 -4.29
CA LYS A 69 -2.29 -20.85 -4.19
C LYS A 69 -1.51 -21.14 -5.47
N VAL A 70 -2.17 -21.06 -6.62
CA VAL A 70 -1.47 -21.32 -7.89
C VAL A 70 -0.40 -20.25 -8.14
N HIS A 71 -0.75 -18.97 -8.00
CA HIS A 71 0.23 -17.90 -8.18
C HIS A 71 1.47 -18.12 -7.29
N SER A 72 1.23 -18.35 -6.00
CA SER A 72 2.35 -18.47 -5.08
C SER A 72 3.18 -19.73 -5.29
N THR A 73 2.55 -20.82 -5.69
CA THR A 73 3.29 -22.03 -6.02
C THR A 73 4.23 -21.78 -7.21
N LEU A 74 3.71 -21.13 -8.24
CA LEU A 74 4.50 -20.83 -9.43
C LEU A 74 5.72 -19.98 -9.06
N THR A 75 5.47 -18.87 -8.38
CA THR A 75 6.54 -17.92 -8.08
C THR A 75 7.61 -18.53 -7.20
N THR A 76 7.20 -19.34 -6.21
CA THR A 76 8.17 -19.98 -5.32
C THR A 76 9.04 -20.95 -6.13
N THR A 77 8.41 -21.71 -7.03
CA THR A 77 9.15 -22.65 -7.88
C THR A 77 10.14 -21.90 -8.79
N SER A 78 9.71 -20.78 -9.37
CA SER A 78 10.63 -19.94 -10.16
C SER A 78 11.80 -19.43 -9.34
N MET A 79 11.54 -18.95 -8.14
CA MET A 79 12.64 -18.50 -7.27
C MET A 79 13.69 -19.55 -7.06
N ILE A 80 13.25 -20.77 -6.81
CA ILE A 80 14.15 -21.87 -6.53
C ILE A 80 14.89 -22.32 -7.79
N LEU A 81 14.18 -22.56 -8.88
CA LEU A 81 14.80 -23.12 -10.09
C LEU A 81 15.55 -22.10 -10.92
N ALA A 82 14.96 -20.91 -11.10
CA ALA A 82 15.56 -19.89 -11.97
C ALA A 82 16.54 -18.98 -11.25
N PHE A 83 16.33 -18.71 -9.95
CA PHE A 83 17.20 -17.80 -9.22
C PHE A 83 18.09 -18.48 -8.17
N GLY A 84 17.93 -19.79 -8.00
CA GLY A 84 18.81 -20.57 -7.13
C GLY A 84 18.80 -20.18 -5.67
N VAL A 85 17.66 -19.73 -5.15
CA VAL A 85 17.61 -19.32 -3.74
C VAL A 85 17.81 -20.52 -2.80
N GLN A 86 18.52 -20.30 -1.70
CA GLN A 86 18.80 -21.34 -0.71
C GLN A 86 17.85 -21.28 0.48
N LYS A 87 17.18 -20.14 0.67
CA LYS A 87 16.16 -19.97 1.71
C LYS A 87 15.05 -19.11 1.15
N VAL A 88 13.83 -19.28 1.65
CA VAL A 88 12.69 -18.47 1.25
C VAL A 88 12.01 -17.92 2.51
N LEU A 89 11.89 -16.61 2.58
CA LEU A 89 11.18 -15.94 3.65
C LEU A 89 9.95 -15.27 3.07
N PHE A 90 8.77 -15.57 3.63
CA PHE A 90 7.54 -14.97 3.17
C PHE A 90 7.10 -13.90 4.18
N SER A 91 6.67 -12.74 3.68
CA SER A 91 6.15 -11.67 4.51
C SER A 91 4.85 -11.13 3.93
N GLY A 92 3.84 -10.99 4.78
CA GLY A 92 2.56 -10.42 4.35
C GLY A 92 1.58 -10.33 5.48
N VAL A 93 0.30 -10.24 5.12
CA VAL A 93 -0.76 -10.05 6.08
C VAL A 93 -1.67 -11.27 6.16
N ALA A 94 -2.49 -11.35 7.21
CA ALA A 94 -3.36 -12.52 7.40
C ALA A 94 -4.56 -12.16 8.25
N GLY A 95 -5.58 -12.99 8.17
CA GLY A 95 -6.77 -12.87 9.03
C GLY A 95 -6.54 -13.65 10.32
N SER A 96 -6.90 -13.04 11.47
CA SER A 96 -6.83 -13.73 12.75
C SER A 96 -8.02 -14.64 13.00
N LEU A 97 -7.72 -15.82 13.54
CA LEU A 97 -8.74 -16.80 13.92
C LEU A 97 -8.91 -16.94 15.42
N VAL A 98 -8.08 -16.24 16.19
CA VAL A 98 -8.01 -16.41 17.65
C VAL A 98 -7.98 -15.05 18.34
N LYS A 99 -8.65 -14.97 19.50
CA LYS A 99 -8.80 -13.71 20.25
C LYS A 99 -7.49 -13.02 20.57
N ASP A 100 -6.45 -13.79 20.90
CA ASP A 100 -5.15 -13.22 21.29
C ASP A 100 -4.29 -12.71 20.12
N LEU A 101 -4.69 -12.99 18.88
CA LEU A 101 -4.04 -12.38 17.71
C LEU A 101 -4.85 -11.19 17.26
N LYS A 102 -4.33 -10.00 17.57
CA LYS A 102 -5.00 -8.73 17.28
C LYS A 102 -4.42 -8.10 16.02
N ILE A 103 -5.14 -7.13 15.46
CA ILE A 103 -4.65 -6.34 14.33
C ILE A 103 -3.23 -5.87 14.60
N ASN A 104 -2.35 -6.09 13.62
CA ASN A 104 -0.92 -5.73 13.63
C ASN A 104 -0.02 -6.76 14.30
N ASP A 105 -0.59 -7.72 15.04
CA ASP A 105 0.25 -8.74 15.69
C ASP A 105 0.97 -9.60 14.66
N LEU A 106 2.16 -10.06 15.03
CA LEU A 106 2.98 -10.92 14.19
C LEU A 106 2.85 -12.37 14.59
N LEU A 107 2.77 -13.24 13.59
CA LEU A 107 2.72 -14.68 13.75
C LEU A 107 3.76 -15.31 12.82
N VAL A 108 4.52 -16.27 13.33
CA VAL A 108 5.32 -17.16 12.50
C VAL A 108 4.62 -18.52 12.40
N ALA A 109 4.49 -19.05 11.19
CA ALA A 109 3.79 -20.31 10.98
C ALA A 109 4.69 -21.47 11.24
N THR A 110 4.33 -22.32 12.19
CA THR A 110 5.08 -23.51 12.48
C THR A 110 4.66 -24.66 11.57
N GLN A 111 3.36 -24.78 11.31
CA GLN A 111 2.87 -25.66 10.26
C GLN A 111 1.80 -24.94 9.47
N LEU A 112 1.59 -25.39 8.24
CA LEU A 112 0.55 -24.84 7.39
C LEU A 112 -0.27 -25.94 6.77
N VAL A 113 -1.51 -25.60 6.41
CA VAL A 113 -2.44 -26.54 5.80
C VAL A 113 -3.18 -25.87 4.67
N GLN A 114 -3.52 -26.65 3.65
CA GLN A 114 -4.41 -26.21 2.59
C GLN A 114 -5.84 -26.55 3.02
N HIS A 115 -6.53 -25.55 3.57
CA HIS A 115 -7.77 -25.80 4.30
C HIS A 115 -8.94 -26.14 3.41
N ASP A 116 -8.82 -25.87 2.12
CA ASP A 116 -9.89 -26.09 1.14
C ASP A 116 -9.75 -27.40 0.36
N VAL A 117 -8.75 -28.20 0.67
CA VAL A 117 -8.58 -29.50 0.03
C VAL A 117 -9.61 -30.50 0.59
N ASP A 118 -10.34 -31.16 -0.29
CA ASP A 118 -11.40 -32.07 0.12
C ASP A 118 -11.43 -33.30 -0.80
N LEU A 119 -10.79 -34.37 -0.32
CA LEU A 119 -10.89 -35.70 -0.93
C LEU A 119 -11.63 -36.67 0.00
N SER A 120 -12.58 -36.13 0.76
CA SER A 120 -13.36 -36.93 1.71
C SER A 120 -14.21 -38.00 1.04
N ALA A 121 -14.49 -37.86 -0.26
CA ALA A 121 -15.19 -38.93 -1.01
C ALA A 121 -14.45 -40.25 -0.97
N PHE A 122 -13.13 -40.21 -0.76
CA PHE A 122 -12.29 -41.41 -0.64
C PHE A 122 -11.83 -41.66 0.81
N ASP A 123 -12.58 -41.09 1.76
CA ASP A 123 -12.34 -41.23 3.18
C ASP A 123 -11.03 -40.60 3.65
N HIS A 124 -10.49 -39.64 2.89
CA HIS A 124 -9.33 -38.91 3.37
C HIS A 124 -9.77 -37.79 4.30
N PRO A 125 -8.99 -37.52 5.34
CA PRO A 125 -9.27 -36.34 6.16
C PRO A 125 -9.17 -35.06 5.32
N LEU A 126 -9.94 -34.07 5.72
CA LEU A 126 -9.87 -32.76 5.04
C LEU A 126 -8.43 -32.22 5.12
N GLY A 127 -7.99 -31.59 4.03
CA GLY A 127 -6.60 -31.10 3.95
C GLY A 127 -5.58 -32.06 3.39
N PHE A 128 -5.93 -33.36 3.32
CA PHE A 128 -4.98 -34.39 2.93
C PHE A 128 -5.07 -34.70 1.44
N ILE A 129 -3.90 -34.83 0.81
CA ILE A 129 -3.76 -35.34 -0.55
C ILE A 129 -2.79 -36.53 -0.50
N PRO A 130 -3.16 -37.65 -1.15
CA PRO A 130 -2.20 -38.75 -1.29
C PRO A 130 -0.82 -38.31 -1.75
N GLU A 131 0.22 -38.92 -1.18
CA GLU A 131 1.61 -38.60 -1.49
C GLU A 131 2.02 -37.25 -0.89
N SER A 132 1.21 -36.69 0.02
CA SER A 132 1.56 -35.49 0.76
C SER A 132 1.16 -35.68 2.23
N ALA A 133 0.82 -34.57 2.90
CA ALA A 133 0.41 -34.59 4.29
C ALA A 133 -0.53 -33.43 4.54
N ILE A 134 -1.35 -33.51 5.59
CA ILE A 134 -2.22 -32.40 5.95
C ILE A 134 -1.39 -31.17 6.30
N PHE A 135 -0.42 -31.36 7.18
CA PHE A 135 0.40 -30.26 7.69
C PHE A 135 1.77 -30.24 7.04
N ILE A 136 2.19 -29.04 6.61
CA ILE A 136 3.48 -28.81 6.02
C ILE A 136 4.32 -28.04 7.04
N GLU A 137 5.53 -28.53 7.31
CA GLU A 137 6.41 -27.86 8.27
C GLU A 137 7.27 -26.79 7.61
N THR A 138 7.58 -25.79 8.40
CA THR A 138 8.56 -24.76 8.04
C THR A 138 9.85 -25.03 8.80
N SER A 139 10.84 -24.17 8.58
CA SER A 139 12.19 -24.39 9.11
C SER A 139 12.30 -24.11 10.60
N GLY A 140 12.67 -25.13 11.37
CA GLY A 140 12.89 -24.96 12.81
C GLY A 140 13.99 -23.98 13.14
N SER A 141 15.08 -24.01 12.36
CA SER A 141 16.18 -23.10 12.63
C SER A 141 15.78 -21.64 12.37
N LEU A 142 15.02 -21.39 11.28
CA LEU A 142 14.57 -20.03 11.01
C LEU A 142 13.49 -19.59 12.00
N ASN A 143 12.59 -20.48 12.40
CA ASN A 143 11.57 -20.12 13.36
C ASN A 143 12.22 -19.83 14.73
N ALA A 144 13.26 -20.59 15.09
CA ALA A 144 14.05 -20.31 16.31
C ALA A 144 14.72 -18.95 16.24
N LEU A 145 15.28 -18.61 15.08
CA LEU A 145 15.86 -17.27 14.89
C LEU A 145 14.81 -16.16 15.07
N ALA A 146 13.63 -16.32 14.49
CA ALA A 146 12.58 -15.35 14.65
C ALA A 146 12.23 -15.13 16.13
N LYS A 147 12.10 -16.23 16.87
CA LYS A 147 11.76 -16.14 18.29
C LYS A 147 12.86 -15.46 19.09
N LYS A 148 14.11 -15.76 18.76
CA LYS A 148 15.27 -15.14 19.43
C LYS A 148 15.26 -13.62 19.21
N ILE A 149 15.12 -13.19 17.96
CA ILE A 149 15.08 -11.77 17.62
C ILE A 149 13.90 -11.09 18.29
N ALA A 150 12.71 -11.67 18.23
CA ALA A 150 11.53 -11.07 18.82
C ALA A 150 11.71 -10.85 20.33
N ASN A 151 12.31 -11.81 21.01
CA ASN A 151 12.56 -11.69 22.45
C ASN A 151 13.57 -10.58 22.76
N GLU A 152 14.63 -10.49 21.95
CA GLU A 152 15.62 -9.40 22.10
C GLU A 152 15.04 -8.00 21.89
N GLN A 153 14.10 -7.88 20.96
CA GLN A 153 13.50 -6.58 20.60
C GLN A 153 12.18 -6.31 21.35
N HIS A 154 11.80 -7.20 22.26
CA HIS A 154 10.56 -7.08 23.03
C HIS A 154 9.35 -6.95 22.13
N ILE A 155 9.33 -7.78 21.08
CA ILE A 155 8.24 -7.85 20.13
C ILE A 155 7.48 -9.11 20.48
N ALA A 156 6.17 -8.98 20.62
CA ALA A 156 5.30 -10.12 20.77
C ALA A 156 5.32 -10.82 19.40
N LEU A 157 5.76 -12.06 19.40
CA LEU A 157 5.70 -12.89 18.23
C LEU A 157 4.99 -14.14 18.67
N LYS A 158 3.89 -14.46 18.00
CA LYS A 158 3.18 -15.69 18.27
C LYS A 158 3.61 -16.70 17.22
N GLU A 159 3.35 -17.96 17.53
CA GLU A 159 3.59 -19.05 16.58
C GLU A 159 2.38 -19.94 16.57
N GLY A 160 2.13 -20.54 15.42
CA GLY A 160 0.98 -21.41 15.31
C GLY A 160 0.75 -21.86 13.89
N VAL A 161 -0.38 -22.53 13.74
CA VAL A 161 -0.75 -23.11 12.46
C VAL A 161 -1.41 -22.02 11.62
N ILE A 162 -1.01 -21.94 10.34
CA ILE A 162 -1.68 -21.05 9.39
C ILE A 162 -2.41 -21.92 8.37
N ALA A 163 -3.67 -21.57 8.15
CA ALA A 163 -4.49 -22.21 7.12
C ALA A 163 -4.50 -21.36 5.84
N SER A 164 -4.28 -22.00 4.70
CA SER A 164 -4.27 -21.32 3.41
C SER A 164 -5.27 -21.93 2.46
N GLY A 165 -5.97 -21.09 1.73
CA GLY A 165 -6.96 -21.57 0.74
C GLY A 165 -7.18 -20.51 -0.29
N ASP A 166 -7.98 -20.84 -1.31
CA ASP A 166 -8.25 -19.90 -2.40
C ASP A 166 -9.53 -19.09 -2.21
N GLN A 167 -9.90 -18.87 -0.95
CA GLN A 167 -11.01 -18.00 -0.60
C GLN A 167 -10.59 -16.96 0.41
N PHE A 168 -11.08 -15.74 0.27
CA PHE A 168 -10.95 -14.74 1.33
C PHE A 168 -12.01 -15.08 2.35
N VAL A 169 -11.61 -15.35 3.60
CA VAL A 169 -12.52 -15.81 4.64
C VAL A 169 -13.12 -14.61 5.35
N HIS A 170 -14.45 -14.60 5.42
CA HIS A 170 -15.17 -13.46 5.97
C HIS A 170 -16.49 -13.90 6.60
N SER A 171 -16.41 -14.98 7.39
CA SER A 171 -17.57 -15.52 8.08
C SER A 171 -17.19 -16.25 9.35
N LYS A 172 -18.03 -16.07 10.38
CA LYS A 172 -17.90 -16.79 11.63
C LYS A 172 -17.82 -18.30 11.40
N GLU A 173 -18.70 -18.78 10.54
CA GLU A 173 -18.84 -20.21 10.28
C GLU A 173 -17.54 -20.81 9.71
N ARG A 174 -16.95 -20.16 8.73
CA ARG A 174 -15.69 -20.68 8.17
C ARG A 174 -14.51 -20.55 9.16
N LYS A 175 -14.42 -19.44 9.88
CA LYS A 175 -13.41 -19.31 10.95
C LYS A 175 -13.45 -20.47 11.93
N GLU A 176 -14.65 -20.76 12.41
CA GLU A 176 -14.80 -21.83 13.40
C GLU A 176 -14.42 -23.21 12.84
N PHE A 177 -14.71 -23.45 11.57
CA PHE A 177 -14.24 -24.66 10.91
C PHE A 177 -12.71 -24.75 10.90
N LEU A 178 -12.04 -23.64 10.57
CA LEU A 178 -10.59 -23.67 10.52
C LEU A 178 -9.95 -23.99 11.88
N VAL A 179 -10.55 -23.45 12.94
CA VAL A 179 -10.09 -23.72 14.30
C VAL A 179 -10.40 -25.17 14.70
N SER A 180 -11.62 -25.63 14.46
N SER A 180 -11.62 -25.63 14.46
CA SER A 180 -12.00 -26.98 14.86
CA SER A 180 -12.01 -26.99 14.86
C SER A 180 -11.27 -28.06 14.07
C SER A 180 -11.27 -28.06 14.07
N GLU A 181 -11.15 -27.87 12.76
CA GLU A 181 -10.56 -28.89 11.90
C GLU A 181 -9.04 -28.95 11.97
N PHE A 182 -8.40 -27.79 12.00
CA PHE A 182 -6.95 -27.68 11.84
C PHE A 182 -6.22 -27.03 13.00
N LYS A 183 -6.94 -26.58 14.01
CA LYS A 183 -6.37 -25.78 15.12
C LYS A 183 -5.55 -24.59 14.59
N ALA A 184 -6.04 -23.98 13.51
CA ALA A 184 -5.34 -22.85 12.91
C ALA A 184 -5.50 -21.57 13.75
N SER A 185 -4.47 -20.74 13.73
CA SER A 185 -4.47 -19.43 14.37
C SER A 185 -4.71 -18.26 13.44
N ALA A 186 -4.37 -18.43 12.16
CA ALA A 186 -4.55 -17.38 11.17
C ALA A 186 -4.86 -18.00 9.81
N VAL A 187 -5.40 -17.17 8.92
CA VAL A 187 -5.81 -17.62 7.59
C VAL A 187 -5.27 -16.68 6.51
N GLU A 188 -4.84 -17.25 5.40
CA GLU A 188 -4.35 -16.49 4.26
C GLU A 188 -4.48 -17.34 3.02
N MET A 189 -3.84 -16.98 1.92
CA MET A 189 -4.11 -17.66 0.64
C MET A 189 -2.85 -18.15 -0.07
N GLU A 190 -1.71 -18.19 0.63
CA GLU A 190 -0.41 -18.48 0.00
C GLU A 190 0.61 -19.24 0.83
N GLY A 191 0.53 -19.14 2.15
CA GLY A 191 1.61 -19.68 2.97
C GLY A 191 1.85 -21.17 2.77
N ALA A 192 0.76 -21.95 2.74
CA ALA A 192 0.88 -23.38 2.64
C ALA A 192 1.52 -23.78 1.32
N SER A 193 1.16 -23.10 0.23
CA SER A 193 1.71 -23.40 -1.08
C SER A 193 3.20 -23.03 -1.15
N VAL A 194 3.55 -21.89 -0.57
CA VAL A 194 4.97 -21.50 -0.51
C VAL A 194 5.79 -22.54 0.27
N ALA A 195 5.30 -22.87 1.47
CA ALA A 195 6.01 -23.81 2.34
C ALA A 195 6.06 -25.21 1.70
N PHE A 196 5.01 -25.58 1.00
CA PHE A 196 4.97 -26.87 0.31
C PHE A 196 6.06 -26.98 -0.76
N VAL A 197 6.14 -25.97 -1.62
CA VAL A 197 7.15 -25.95 -2.67
C VAL A 197 8.54 -26.05 -2.04
N CYS A 198 8.77 -25.26 -1.00
CA CYS A 198 10.08 -25.29 -0.33
C CYS A 198 10.40 -26.67 0.23
N GLN A 199 9.42 -27.31 0.84
CA GLN A 199 9.61 -28.68 1.35
C GLN A 199 9.99 -29.65 0.21
N LYS A 200 9.31 -29.54 -0.94
CA LYS A 200 9.58 -30.45 -2.05
C LYS A 200 11.01 -30.31 -2.61
N PHE A 201 11.55 -29.10 -2.57
CA PHE A 201 12.90 -28.79 -3.06
C PHE A 201 13.98 -28.83 -1.96
N GLY A 202 13.57 -29.08 -0.73
CA GLY A 202 14.52 -29.10 0.39
C GLY A 202 15.09 -27.75 0.75
N VAL A 203 14.30 -26.69 0.57
CA VAL A 203 14.72 -25.32 0.78
C VAL A 203 14.09 -24.81 2.10
N PRO A 204 14.92 -24.34 3.06
CA PRO A 204 14.39 -23.77 4.29
C PRO A 204 13.42 -22.62 4.04
N CYS A 205 12.30 -22.64 4.75
CA CYS A 205 11.23 -21.67 4.57
C CYS A 205 10.76 -21.12 5.92
N CYS A 206 10.52 -19.81 5.97
CA CYS A 206 9.85 -19.19 7.12
C CYS A 206 8.70 -18.36 6.58
N VAL A 207 7.52 -18.51 7.18
CA VAL A 207 6.34 -17.72 6.80
C VAL A 207 5.94 -16.81 7.95
N LEU A 208 6.05 -15.51 7.71
CA LEU A 208 5.67 -14.45 8.64
C LEU A 208 4.42 -13.76 8.17
N ARG A 209 3.48 -13.50 9.09
CA ARG A 209 2.27 -12.75 8.76
C ARG A 209 1.94 -11.76 9.87
N SER A 210 1.44 -10.60 9.50
CA SER A 210 0.89 -9.63 10.44
C SER A 210 -0.60 -9.54 10.20
N ILE A 211 -1.37 -9.46 11.29
CA ILE A 211 -2.82 -9.53 11.20
C ILE A 211 -3.41 -8.24 10.60
N SER A 212 -4.24 -8.39 9.57
CA SER A 212 -4.95 -7.25 8.96
C SER A 212 -6.44 -7.18 9.28
N ASP A 213 -7.02 -8.28 9.76
CA ASP A 213 -8.46 -8.39 9.94
C ASP A 213 -8.76 -9.65 10.75
N ASN A 214 -10.03 -9.82 11.10
CA ASN A 214 -10.47 -10.94 11.92
C ASN A 214 -11.24 -12.01 11.15
N ALA A 215 -11.11 -12.01 9.80
CA ALA A 215 -11.65 -13.09 8.97
C ALA A 215 -13.16 -13.29 9.16
N ASP A 216 -13.84 -12.20 9.51
CA ASP A 216 -15.27 -12.20 9.81
C ASP A 216 -15.99 -11.32 8.81
N GLU A 217 -17.25 -10.99 9.10
CA GLU A 217 -18.10 -10.30 8.14
C GLU A 217 -17.57 -8.88 7.79
N LYS A 218 -16.78 -8.27 8.68
CA LYS A 218 -16.15 -6.97 8.46
C LYS A 218 -14.71 -7.04 7.93
N ALA A 219 -14.26 -8.25 7.55
CA ALA A 219 -12.86 -8.43 7.19
C ALA A 219 -12.39 -7.63 5.97
N GLY A 220 -13.25 -7.46 4.98
CA GLY A 220 -12.86 -6.71 3.80
C GLY A 220 -12.52 -5.26 4.13
N MET A 221 -13.35 -4.62 4.95
CA MET A 221 -13.12 -3.24 5.35
C MET A 221 -11.88 -3.10 6.24
N SER A 222 -11.72 -4.02 7.18
CA SER A 222 -10.53 -4.04 8.03
C SER A 222 -9.25 -4.23 7.20
N PHE A 223 -9.29 -5.21 6.29
CA PHE A 223 -8.17 -5.43 5.39
C PHE A 223 -7.76 -4.16 4.64
N ASP A 224 -8.74 -3.46 4.06
CA ASP A 224 -8.41 -2.25 3.29
C ASP A 224 -7.78 -1.18 4.19
N GLU A 225 -8.24 -1.09 5.42
CA GLU A 225 -7.73 -0.10 6.37
C GLU A 225 -6.31 -0.41 6.83
N PHE A 226 -6.02 -1.68 7.10
CA PHE A 226 -4.78 -2.08 7.78
C PHE A 226 -3.72 -2.75 6.92
N LEU A 227 -4.00 -2.99 5.64
CA LEU A 227 -3.01 -3.64 4.77
C LEU A 227 -1.63 -2.98 4.82
N GLU A 228 -1.59 -1.66 4.67
CA GLU A 228 -0.33 -0.92 4.61
C GLU A 228 0.46 -1.09 5.91
N LYS A 229 -0.19 -0.84 7.04
CA LYS A 229 0.50 -0.89 8.33
C LYS A 229 0.94 -2.32 8.65
N SER A 230 0.03 -3.28 8.50
CA SER A 230 0.37 -4.69 8.78
C SER A 230 1.46 -5.21 7.84
N ALA A 231 1.40 -4.86 6.56
CA ALA A 231 2.47 -5.23 5.63
C ALA A 231 3.83 -4.69 6.07
N HIS A 232 3.85 -3.44 6.55
CA HIS A 232 5.07 -2.83 7.02
C HIS A 232 5.63 -3.52 8.27
N THR A 233 4.74 -3.85 9.19
CA THR A 233 5.12 -4.57 10.40
C THR A 233 5.81 -5.89 10.06
N SER A 234 5.21 -6.68 9.16
CA SER A 234 5.82 -7.93 8.75
C SER A 234 7.14 -7.70 8.03
N ALA A 235 7.17 -6.70 7.14
CA ALA A 235 8.37 -6.41 6.36
C ALA A 235 9.57 -6.04 7.24
N LYS A 236 9.30 -5.18 8.22
CA LYS A 236 10.32 -4.75 9.18
C LYS A 236 10.91 -5.94 9.92
N PHE A 237 10.04 -6.86 10.34
CA PHE A 237 10.52 -8.04 11.05
C PHE A 237 11.31 -8.97 10.13
N LEU A 238 10.85 -9.14 8.89
CA LEU A 238 11.58 -9.95 7.94
C LEU A 238 12.98 -9.38 7.73
N LYS A 239 13.08 -8.06 7.58
CA LYS A 239 14.39 -7.44 7.41
C LYS A 239 15.30 -7.74 8.62
N SER A 240 14.74 -7.67 9.81
CA SER A 240 15.54 -7.98 11.02
C SER A 240 16.07 -9.42 11.02
N MET A 241 15.29 -10.36 10.45
CA MET A 241 15.79 -11.73 10.27
C MET A 241 16.93 -11.81 9.27
N VAL A 242 16.75 -11.16 8.12
CA VAL A 242 17.79 -11.16 7.08
C VAL A 242 19.10 -10.58 7.63
N ASP A 243 18.99 -9.56 8.49
CA ASP A 243 20.18 -8.98 9.15
C ASP A 243 20.99 -9.98 9.97
N GLU A 244 20.37 -11.08 10.42
CA GLU A 244 21.05 -12.15 11.18
C GLU A 244 21.45 -13.39 10.36
N LEU A 245 21.15 -13.41 9.07
CA LEU A 245 21.49 -14.57 8.24
C LEU A 245 22.93 -14.52 7.76
N GLN B 14 -27.88 6.40 9.50
CA GLN B 14 -26.48 6.83 9.24
C GLN B 14 -26.32 8.35 9.29
N GLY B 15 -27.03 9.04 8.40
CA GLY B 15 -26.80 10.46 8.11
C GLY B 15 -26.27 10.63 6.69
N VAL B 16 -26.45 11.81 6.13
CA VAL B 16 -26.05 12.08 4.74
C VAL B 16 -24.52 12.18 4.65
N GLN B 17 -23.94 11.49 3.67
CA GLN B 17 -22.50 11.46 3.50
C GLN B 17 -22.05 12.81 2.94
N LYS B 18 -21.06 13.45 3.59
CA LYS B 18 -20.54 14.74 3.15
C LYS B 18 -19.12 14.52 2.64
N ILE B 19 -18.89 14.81 1.37
CA ILE B 19 -17.59 14.57 0.74
C ILE B 19 -17.00 15.90 0.28
N GLY B 20 -15.77 16.20 0.74
CA GLY B 20 -15.04 17.36 0.26
C GLY B 20 -14.22 16.97 -0.95
N ILE B 21 -14.25 17.83 -1.97
CA ILE B 21 -13.52 17.61 -3.20
C ILE B 21 -12.71 18.87 -3.46
N LEU B 22 -11.37 18.72 -3.55
CA LEU B 22 -10.48 19.86 -3.65
C LEU B 22 -9.55 19.79 -4.84
N GLY B 23 -9.35 20.92 -5.49
CA GLY B 23 -8.23 21.16 -6.39
C GLY B 23 -7.48 22.37 -5.89
N ALA B 24 -6.35 22.66 -6.51
CA ALA B 24 -5.57 23.88 -6.17
C ALA B 24 -5.97 25.07 -7.06
N MET B 25 -6.19 24.82 -8.34
CA MET B 25 -6.47 25.88 -9.33
C MET B 25 -7.88 25.73 -9.87
N ARG B 26 -8.43 26.83 -10.36
CA ARG B 26 -9.76 26.79 -10.98
C ARG B 26 -9.80 25.73 -12.09
N GLU B 27 -8.74 25.65 -12.87
CA GLU B 27 -8.65 24.70 -13.98
C GLU B 27 -8.77 23.24 -13.52
N GLU B 28 -8.38 22.95 -12.29
CA GLU B 28 -8.47 21.59 -11.76
C GLU B 28 -9.89 21.23 -11.34
N ILE B 29 -10.72 22.22 -10.97
CA ILE B 29 -12.09 21.91 -10.56
C ILE B 29 -13.15 22.16 -11.64
N THR B 30 -12.83 22.95 -12.67
CA THR B 30 -13.82 23.19 -13.76
C THR B 30 -14.32 21.86 -14.34
N PRO B 31 -13.43 20.93 -14.70
CA PRO B 31 -13.95 19.62 -15.18
C PRO B 31 -14.70 18.81 -14.12
N ILE B 32 -14.36 18.96 -12.84
CA ILE B 32 -15.08 18.29 -11.79
C ILE B 32 -16.53 18.77 -11.74
N LEU B 33 -16.72 20.08 -11.73
CA LEU B 33 -18.07 20.64 -11.68
C LEU B 33 -18.89 20.20 -12.90
N GLU B 34 -18.28 20.23 -14.07
CA GLU B 34 -18.94 19.83 -15.33
C GLU B 34 -19.30 18.36 -15.35
N LEU B 35 -18.38 17.49 -14.94
CA LEU B 35 -18.64 16.05 -14.94
C LEU B 35 -19.76 15.63 -13.96
N PHE B 36 -19.84 16.24 -12.78
CA PHE B 36 -20.91 15.92 -11.85
C PHE B 36 -22.28 16.35 -12.40
N GLY B 37 -22.30 17.48 -13.10
CA GLY B 37 -23.46 17.92 -13.86
C GLY B 37 -24.71 18.22 -13.03
N VAL B 38 -24.50 18.60 -11.77
CA VAL B 38 -25.58 18.98 -10.87
C VAL B 38 -25.48 20.47 -10.59
N ASP B 39 -26.54 21.01 -9.99
CA ASP B 39 -26.57 22.42 -9.61
C ASP B 39 -25.79 22.58 -8.33
N PHE B 40 -24.93 23.61 -8.30
CA PHE B 40 -24.14 23.92 -7.11
C PHE B 40 -24.52 25.30 -6.56
N GLU B 41 -24.69 25.37 -5.25
CA GLU B 41 -24.80 26.63 -4.52
C GLU B 41 -23.38 27.12 -4.21
N GLU B 42 -23.08 28.38 -4.55
CA GLU B 42 -21.78 28.97 -4.26
C GLU B 42 -21.82 29.67 -2.90
N ILE B 43 -20.90 29.29 -2.01
CA ILE B 43 -20.86 29.79 -0.65
C ILE B 43 -19.46 30.35 -0.39
N PRO B 44 -19.35 31.67 -0.14
CA PRO B 44 -18.04 32.26 0.16
C PRO B 44 -17.65 32.11 1.62
N LEU B 45 -16.39 31.79 1.88
CA LEU B 45 -15.86 31.69 3.24
C LEU B 45 -14.34 31.72 3.19
N GLY B 46 -13.73 32.59 3.97
CA GLY B 46 -12.28 32.63 4.09
C GLY B 46 -11.51 32.85 2.80
N GLY B 47 -12.08 33.60 1.86
CA GLY B 47 -11.43 33.85 0.57
C GLY B 47 -11.58 32.72 -0.45
N ASN B 48 -12.35 31.69 -0.10
CA ASN B 48 -12.66 30.61 -1.04
C ASN B 48 -14.14 30.64 -1.40
N VAL B 49 -14.46 30.00 -2.52
CA VAL B 49 -15.86 29.76 -2.89
C VAL B 49 -16.08 28.25 -2.87
N PHE B 50 -17.02 27.81 -2.05
CA PHE B 50 -17.37 26.40 -1.92
C PHE B 50 -18.62 26.12 -2.75
N HIS B 51 -18.58 25.08 -3.58
CA HIS B 51 -19.69 24.72 -4.47
C HIS B 51 -20.36 23.51 -3.84
N LYS B 52 -21.58 23.72 -3.32
CA LYS B 52 -22.29 22.69 -2.58
C LYS B 52 -23.43 22.15 -3.45
N GLY B 53 -23.41 20.83 -3.66
CA GLY B 53 -24.44 20.13 -4.43
C GLY B 53 -24.82 18.80 -3.81
N VAL B 54 -25.83 18.17 -4.40
CA VAL B 54 -26.29 16.86 -3.97
C VAL B 54 -26.11 15.91 -5.14
N TYR B 55 -25.61 14.72 -4.83
CA TYR B 55 -25.28 13.72 -5.83
C TYR B 55 -25.38 12.32 -5.19
N HIS B 56 -26.38 11.53 -5.59
CA HIS B 56 -26.53 10.11 -5.17
C HIS B 56 -26.48 9.87 -3.63
N ASN B 57 -27.35 10.55 -2.90
CA ASN B 57 -27.43 10.45 -1.42
C ASN B 57 -26.19 11.04 -0.71
N LYS B 58 -25.40 11.83 -1.44
CA LYS B 58 -24.20 12.46 -0.91
C LYS B 58 -24.25 13.94 -1.14
N GLU B 59 -23.78 14.68 -0.14
CA GLU B 59 -23.55 16.09 -0.28
C GLU B 59 -22.10 16.24 -0.71
N ILE B 60 -21.89 16.91 -1.83
CA ILE B 60 -20.52 17.15 -2.34
C ILE B 60 -20.20 18.63 -2.20
N ILE B 61 -19.01 18.92 -1.65
CA ILE B 61 -18.54 20.29 -1.45
C ILE B 61 -17.24 20.41 -2.23
N VAL B 62 -17.26 21.20 -3.30
CA VAL B 62 -16.13 21.31 -4.23
C VAL B 62 -15.53 22.71 -4.12
N ALA B 63 -14.21 22.80 -4.06
CA ALA B 63 -13.53 24.09 -4.08
C ALA B 63 -12.14 23.96 -4.66
N TYR B 64 -11.62 25.06 -5.21
CA TYR B 64 -10.18 25.15 -5.43
C TYR B 64 -9.60 26.06 -4.35
N SER B 65 -8.45 25.65 -3.82
CA SER B 65 -7.89 26.34 -2.65
C SER B 65 -7.16 27.64 -3.04
N LYS B 66 -6.65 27.70 -4.27
CA LYS B 66 -5.58 28.58 -4.73
C LYS B 66 -4.23 27.90 -4.41
N ILE B 67 -3.17 28.36 -5.04
CA ILE B 67 -1.93 27.61 -5.13
C ILE B 67 -1.16 27.61 -3.80
N GLY B 68 -0.57 26.46 -3.48
CA GLY B 68 0.43 26.39 -2.41
C GLY B 68 -0.06 25.90 -1.08
N LYS B 69 0.88 25.85 -0.15
CA LYS B 69 0.66 25.15 1.11
C LYS B 69 -0.26 25.90 2.06
N VAL B 70 -0.09 27.22 2.20
CA VAL B 70 -0.95 27.98 3.09
C VAL B 70 -2.39 28.01 2.56
N HIS B 71 -2.57 28.31 1.27
CA HIS B 71 -3.91 28.29 0.69
C HIS B 71 -4.60 26.94 0.94
N SER B 72 -3.92 25.85 0.61
CA SER B 72 -4.55 24.54 0.70
C SER B 72 -4.80 24.10 2.14
N THR B 73 -3.92 24.48 3.06
CA THR B 73 -4.15 24.19 4.46
C THR B 73 -5.43 24.88 4.96
N LEU B 74 -5.54 26.16 4.63
CA LEU B 74 -6.72 26.96 5.02
C LEU B 74 -8.00 26.31 4.49
N THR B 75 -8.05 26.07 3.19
CA THR B 75 -9.27 25.58 2.55
C THR B 75 -9.68 24.22 3.09
N THR B 76 -8.70 23.35 3.33
CA THR B 76 -8.99 22.02 3.87
C THR B 76 -9.58 22.14 5.28
N THR B 77 -8.99 23.02 6.09
CA THR B 77 -9.47 23.25 7.45
C THR B 77 -10.91 23.80 7.42
N SER B 78 -11.18 24.74 6.52
CA SER B 78 -12.55 25.24 6.34
C SER B 78 -13.52 24.15 5.94
N MET B 79 -13.15 23.31 4.99
CA MET B 79 -14.01 22.19 4.60
C MET B 79 -14.43 21.33 5.78
N ILE B 80 -13.46 21.01 6.62
CA ILE B 80 -13.69 20.14 7.75
C ILE B 80 -14.52 20.83 8.83
N LEU B 81 -14.12 22.04 9.23
CA LEU B 81 -14.78 22.70 10.36
C LEU B 81 -16.09 23.36 9.99
N ALA B 82 -16.13 24.03 8.84
CA ALA B 82 -17.33 24.78 8.44
C ALA B 82 -18.36 23.94 7.67
N PHE B 83 -17.90 22.96 6.89
CA PHE B 83 -18.80 22.16 6.06
C PHE B 83 -18.97 20.72 6.55
N GLY B 84 -18.24 20.31 7.59
CA GLY B 84 -18.40 19.01 8.20
C GLY B 84 -18.13 17.82 7.30
N VAL B 85 -17.18 17.96 6.37
CA VAL B 85 -16.92 16.83 5.45
C VAL B 85 -16.32 15.64 6.21
N GLN B 86 -16.71 14.44 5.79
CA GLN B 86 -16.26 13.20 6.45
C GLN B 86 -15.11 12.54 5.70
N LYS B 87 -14.90 12.92 4.43
CA LYS B 87 -13.79 12.46 3.60
C LYS B 87 -13.37 13.60 2.71
N VAL B 88 -12.09 13.61 2.30
CA VAL B 88 -11.58 14.60 1.36
C VAL B 88 -10.87 13.88 0.23
N LEU B 89 -11.27 14.20 -1.01
CA LEU B 89 -10.59 13.73 -2.20
C LEU B 89 -9.98 14.92 -2.91
N PHE B 90 -8.67 14.86 -3.18
CA PHE B 90 -7.99 15.89 -3.91
C PHE B 90 -7.75 15.44 -5.34
N SER B 91 -7.99 16.32 -6.32
CA SER B 91 -7.73 16.06 -7.72
C SER B 91 -6.98 17.22 -8.34
N GLY B 92 -5.92 16.93 -9.08
CA GLY B 92 -5.18 17.94 -9.80
C GLY B 92 -4.03 17.37 -10.59
N VAL B 93 -3.07 18.22 -10.91
CA VAL B 93 -1.93 17.85 -11.74
C VAL B 93 -0.62 17.87 -10.92
N ALA B 94 0.42 17.25 -11.44
CA ALA B 94 1.70 17.18 -10.72
C ALA B 94 2.85 17.00 -11.69
N GLY B 95 4.06 17.30 -11.23
CA GLY B 95 5.27 17.02 -11.97
C GLY B 95 5.77 15.61 -11.67
N SER B 96 6.20 14.90 -12.72
CA SER B 96 6.80 13.58 -12.56
C SER B 96 8.27 13.66 -12.19
N LEU B 97 8.65 12.81 -11.23
CA LEU B 97 10.03 12.68 -10.78
C LEU B 97 10.68 11.38 -11.25
N VAL B 98 9.91 10.51 -11.91
CA VAL B 98 10.37 9.15 -12.25
C VAL B 98 10.01 8.83 -13.70
N LYS B 99 10.91 8.11 -14.37
CA LYS B 99 10.79 7.81 -15.80
C LYS B 99 9.47 7.14 -16.18
N ASP B 100 8.96 6.26 -15.33
CA ASP B 100 7.73 5.51 -15.63
C ASP B 100 6.42 6.30 -15.44
N LEU B 101 6.50 7.49 -14.83
CA LEU B 101 5.34 8.38 -14.75
C LEU B 101 5.42 9.40 -15.87
N LYS B 102 4.58 9.19 -16.88
CA LYS B 102 4.57 10.02 -18.09
C LYS B 102 3.43 11.02 -18.04
N ILE B 103 3.52 12.03 -18.90
CA ILE B 103 2.44 13.01 -19.08
C ILE B 103 1.10 12.29 -19.20
N ASN B 104 0.13 12.76 -18.42
CA ASN B 104 -1.25 12.25 -18.34
C ASN B 104 -1.44 11.05 -17.43
N ASP B 105 -0.36 10.39 -17.00
CA ASP B 105 -0.49 9.25 -16.10
C ASP B 105 -1.11 9.66 -14.77
N LEU B 106 -1.88 8.76 -14.18
CA LEU B 106 -2.50 8.98 -12.89
C LEU B 106 -1.72 8.32 -11.77
N LEU B 107 -1.60 9.04 -10.67
CA LEU B 107 -0.91 8.58 -9.46
C LEU B 107 -1.83 8.84 -8.27
N VAL B 108 -1.94 7.85 -7.38
CA VAL B 108 -2.50 8.08 -6.05
C VAL B 108 -1.35 8.13 -5.04
N ALA B 109 -1.36 9.12 -4.14
CA ALA B 109 -0.33 9.21 -3.10
C ALA B 109 -0.47 8.06 -2.10
N THR B 110 0.66 7.45 -1.76
CA THR B 110 0.71 6.57 -0.62
C THR B 110 0.91 7.40 0.64
N GLN B 111 2.04 8.10 0.64
CA GLN B 111 2.42 9.02 1.72
C GLN B 111 2.92 10.33 1.09
N LEU B 112 2.90 11.41 1.88
CA LEU B 112 3.31 12.73 1.38
C LEU B 112 4.30 13.40 2.31
N VAL B 113 5.08 14.33 1.77
N VAL B 113 5.08 14.34 1.77
CA VAL B 113 6.11 15.04 2.54
CA VAL B 113 6.11 15.05 2.52
C VAL B 113 6.15 16.50 2.13
C VAL B 113 6.06 16.51 2.16
N GLN B 114 6.48 17.36 3.09
CA GLN B 114 6.76 18.78 2.80
C GLN B 114 8.25 18.92 2.52
N HIS B 115 8.59 18.94 1.24
CA HIS B 115 9.98 18.79 0.83
C HIS B 115 10.84 20.00 1.09
N ASP B 116 10.22 21.14 1.35
CA ASP B 116 10.93 22.40 1.56
C ASP B 116 11.13 22.77 3.03
N VAL B 117 10.71 21.89 3.94
CA VAL B 117 10.93 22.11 5.37
C VAL B 117 12.40 21.84 5.71
N ASP B 118 13.03 22.81 6.37
CA ASP B 118 14.49 22.71 6.67
C ASP B 118 14.78 23.29 8.05
N LEU B 119 14.85 22.38 9.02
CA LEU B 119 15.34 22.72 10.37
C LEU B 119 16.66 22.01 10.64
N SER B 120 17.46 21.85 9.59
CA SER B 120 18.77 21.20 9.70
C SER B 120 19.74 21.98 10.59
N ALA B 121 19.50 23.27 10.84
CA ALA B 121 20.34 24.04 11.79
C ALA B 121 20.31 23.43 13.18
N PHE B 122 19.25 22.69 13.51
CA PHE B 122 19.11 21.98 14.79
C PHE B 122 19.27 20.46 14.65
N ASP B 123 19.92 20.05 13.55
CA ASP B 123 20.18 18.65 13.24
C ASP B 123 18.95 17.79 13.02
N HIS B 124 17.85 18.42 12.62
CA HIS B 124 16.67 17.65 12.17
C HIS B 124 16.84 17.22 10.74
N PRO B 125 16.40 15.99 10.41
CA PRO B 125 16.35 15.59 9.01
C PRO B 125 15.48 16.55 8.20
N LEU B 126 15.82 16.72 6.93
CA LEU B 126 15.01 17.56 6.05
C LEU B 126 13.58 17.00 5.97
N GLY B 127 12.60 17.90 5.96
CA GLY B 127 11.19 17.51 5.99
C GLY B 127 10.56 17.35 7.35
N PHE B 128 11.37 17.28 8.40
CA PHE B 128 10.91 17.02 9.74
C PHE B 128 10.69 18.29 10.54
N ILE B 129 9.58 18.33 11.25
CA ILE B 129 9.29 19.37 12.26
C ILE B 129 9.04 18.66 13.59
N PRO B 130 9.67 19.14 14.67
CA PRO B 130 9.30 18.62 16.00
C PRO B 130 7.80 18.55 16.24
N GLU B 131 7.36 17.49 16.92
CA GLU B 131 5.95 17.24 17.20
C GLU B 131 5.16 16.86 15.94
N SER B 132 5.87 16.50 14.87
CA SER B 132 5.25 16.02 13.65
C SER B 132 6.06 14.83 13.11
N ALA B 133 6.03 14.63 11.81
CA ALA B 133 6.74 13.53 11.16
C ALA B 133 7.03 13.91 9.72
N ILE B 134 8.05 13.30 9.13
CA ILE B 134 8.39 13.57 7.75
C ILE B 134 7.24 13.18 6.82
N PHE B 135 6.75 11.95 6.98
CA PHE B 135 5.76 11.38 6.08
C PHE B 135 4.35 11.42 6.66
N ILE B 136 3.39 11.80 5.82
CA ILE B 136 1.99 11.90 6.16
C ILE B 136 1.25 10.79 5.43
N GLU B 137 0.40 10.05 6.16
CA GLU B 137 -0.33 8.91 5.64
C GLU B 137 -1.68 9.30 5.08
N THR B 138 -2.22 8.45 4.20
CA THR B 138 -3.52 8.67 3.55
C THR B 138 -4.44 7.47 3.85
N SER B 139 -5.66 7.55 3.32
CA SER B 139 -6.67 6.54 3.60
C SER B 139 -6.48 5.25 2.83
N GLY B 140 -6.27 4.15 3.55
CA GLY B 140 -6.22 2.82 2.94
C GLY B 140 -7.51 2.43 2.25
N SER B 141 -8.64 2.75 2.85
CA SER B 141 -9.93 2.42 2.25
C SER B 141 -10.14 3.16 0.93
N LEU B 142 -9.80 4.46 0.89
CA LEU B 142 -9.94 5.21 -0.33
C LEU B 142 -8.91 4.81 -1.38
N ASN B 143 -7.69 4.54 -0.96
CA ASN B 143 -6.66 4.09 -1.92
C ASN B 143 -7.05 2.72 -2.50
N ALA B 144 -7.63 1.84 -1.67
CA ALA B 144 -8.16 0.56 -2.14
C ALA B 144 -9.27 0.73 -3.16
N LEU B 145 -10.17 1.68 -2.89
CA LEU B 145 -11.21 2.00 -3.86
C LEU B 145 -10.66 2.47 -5.20
N ALA B 146 -9.68 3.36 -5.16
CA ALA B 146 -9.03 3.83 -6.38
C ALA B 146 -8.46 2.68 -7.20
N LYS B 147 -7.76 1.77 -6.52
CA LYS B 147 -7.16 0.64 -7.21
C LYS B 147 -8.19 -0.31 -7.81
N LYS B 148 -9.28 -0.52 -7.07
CA LYS B 148 -10.38 -1.38 -7.55
C LYS B 148 -10.98 -0.80 -8.83
N ILE B 149 -11.31 0.48 -8.80
CA ILE B 149 -11.87 1.15 -9.96
C ILE B 149 -10.92 1.15 -11.15
N ALA B 150 -9.66 1.48 -10.91
CA ALA B 150 -8.68 1.54 -11.99
C ALA B 150 -8.58 0.17 -12.71
N ASN B 151 -8.58 -0.90 -11.92
CA ASN B 151 -8.50 -2.24 -12.49
C ASN B 151 -9.74 -2.62 -13.29
N GLU B 152 -10.91 -2.26 -12.78
CA GLU B 152 -12.18 -2.50 -13.52
C GLU B 152 -12.25 -1.76 -14.84
N GLN B 153 -11.71 -0.53 -14.88
CA GLN B 153 -11.78 0.32 -16.09
C GLN B 153 -10.54 0.21 -16.96
N HIS B 154 -9.62 -0.68 -16.61
CA HIS B 154 -8.38 -0.89 -17.34
C HIS B 154 -7.59 0.41 -17.49
N ILE B 155 -7.51 1.15 -16.39
CA ILE B 155 -6.77 2.40 -16.29
C ILE B 155 -5.50 2.06 -15.51
N ALA B 156 -4.35 2.45 -16.05
CA ALA B 156 -3.12 2.38 -15.34
C ALA B 156 -3.22 3.41 -14.20
N LEU B 157 -3.09 2.92 -12.98
CA LEU B 157 -2.97 3.80 -11.82
C LEU B 157 -1.71 3.42 -11.12
N LYS B 158 -0.83 4.39 -10.90
CA LYS B 158 0.38 4.17 -10.11
C LYS B 158 0.16 4.69 -8.72
N GLU B 159 1.00 4.26 -7.78
CA GLU B 159 0.97 4.80 -6.43
C GLU B 159 2.39 5.11 -5.99
N GLY B 160 2.54 6.13 -5.14
CA GLY B 160 3.87 6.49 -4.69
C GLY B 160 3.85 7.72 -3.81
N VAL B 161 5.02 8.11 -3.35
CA VAL B 161 5.19 9.24 -2.47
C VAL B 161 5.10 10.54 -3.25
N ILE B 162 4.32 11.49 -2.73
CA ILE B 162 4.21 12.80 -3.37
C ILE B 162 4.88 13.83 -2.46
N ALA B 163 5.76 14.63 -3.05
CA ALA B 163 6.43 15.73 -2.35
C ALA B 163 5.72 17.05 -2.64
N SER B 164 5.48 17.84 -1.61
CA SER B 164 4.83 19.15 -1.76
C SER B 164 5.68 20.26 -1.18
N GLY B 165 5.72 21.40 -1.86
CA GLY B 165 6.45 22.58 -1.39
C GLY B 165 5.89 23.84 -2.00
N ASP B 166 6.41 25.00 -1.58
CA ASP B 166 5.94 26.27 -2.08
C ASP B 166 6.77 26.83 -3.23
N GLN B 167 7.39 25.93 -3.98
CA GLN B 167 8.11 26.31 -5.20
C GLN B 167 7.65 25.40 -6.32
N PHE B 168 7.55 25.96 -7.51
CA PHE B 168 7.33 25.15 -8.71
C PHE B 168 8.69 24.62 -9.09
N VAL B 169 8.84 23.29 -9.15
CA VAL B 169 10.13 22.64 -9.38
C VAL B 169 10.39 22.52 -10.88
N HIS B 170 11.55 23.03 -11.30
CA HIS B 170 11.88 23.09 -12.72
C HIS B 170 13.38 23.01 -12.93
N SER B 171 14.00 22.04 -12.24
CA SER B 171 15.44 21.81 -12.38
C SER B 171 15.83 20.37 -12.11
N LYS B 172 16.82 19.90 -12.85
CA LYS B 172 17.39 18.57 -12.64
C LYS B 172 17.83 18.40 -11.20
N GLU B 173 18.52 19.42 -10.69
CA GLU B 173 19.11 19.36 -9.36
C GLU B 173 18.05 19.16 -8.28
N ARG B 174 16.96 19.94 -8.34
CA ARG B 174 15.91 19.78 -7.33
C ARG B 174 15.14 18.46 -7.48
N LYS B 175 14.85 18.04 -8.70
CA LYS B 175 14.24 16.71 -8.93
C LYS B 175 15.02 15.60 -8.26
N GLU B 176 16.32 15.60 -8.52
CA GLU B 176 17.17 14.54 -7.99
C GLU B 176 17.22 14.56 -6.47
N PHE B 177 17.20 15.75 -5.87
CA PHE B 177 17.08 15.87 -4.42
C PHE B 177 15.80 15.23 -3.90
N LEU B 178 14.67 15.49 -4.55
CA LEU B 178 13.41 14.93 -4.08
C LEU B 178 13.39 13.41 -4.11
N VAL B 179 14.00 12.83 -5.15
CA VAL B 179 14.11 11.40 -5.29
C VAL B 179 15.08 10.82 -4.25
N SER B 180 16.25 11.43 -4.10
CA SER B 180 17.25 10.91 -3.17
C SER B 180 16.83 11.06 -1.71
N GLU B 181 16.27 12.22 -1.36
CA GLU B 181 15.94 12.51 0.02
C GLU B 181 14.67 11.83 0.51
N PHE B 182 13.64 11.81 -0.34
CA PHE B 182 12.30 11.41 0.06
C PHE B 182 11.74 10.23 -0.71
N LYS B 183 12.49 9.72 -1.70
CA LYS B 183 12.00 8.66 -2.61
C LYS B 183 10.65 9.04 -3.23
N ALA B 184 10.50 10.32 -3.54
CA ALA B 184 9.22 10.82 -4.11
C ALA B 184 9.10 10.42 -5.58
N SER B 185 7.87 10.20 -6.01
CA SER B 185 7.53 9.91 -7.41
C SER B 185 6.97 11.12 -8.18
N ALA B 186 6.38 12.06 -7.47
CA ALA B 186 5.80 13.25 -8.08
C ALA B 186 5.91 14.43 -7.14
N VAL B 187 5.78 15.63 -7.71
CA VAL B 187 5.93 16.88 -6.96
C VAL B 187 4.75 17.81 -7.27
N GLU B 188 4.28 18.51 -6.24
CA GLU B 188 3.21 19.48 -6.38
C GLU B 188 3.28 20.45 -5.21
N MET B 189 2.25 21.25 -4.96
CA MET B 189 2.37 22.33 -3.97
C MET B 189 1.26 22.32 -2.93
N GLU B 190 0.49 21.25 -2.83
CA GLU B 190 -0.69 21.20 -1.97
C GLU B 190 -1.02 19.88 -1.31
N GLY B 191 -0.60 18.76 -1.89
CA GLY B 191 -1.06 17.46 -1.38
C GLY B 191 -0.71 17.20 0.06
N ALA B 192 0.53 17.49 0.42
CA ALA B 192 0.99 17.21 1.77
C ALA B 192 0.21 18.03 2.79
N SER B 193 -0.07 19.30 2.46
CA SER B 193 -0.81 20.15 3.39
C SER B 193 -2.26 19.70 3.53
N VAL B 194 -2.88 19.31 2.42
CA VAL B 194 -4.24 18.77 2.48
C VAL B 194 -4.29 17.49 3.35
N ALA B 195 -3.39 16.56 3.06
CA ALA B 195 -3.35 15.28 3.77
C ALA B 195 -2.99 15.49 5.23
N PHE B 196 -2.13 16.46 5.51
CA PHE B 196 -1.75 16.78 6.89
C PHE B 196 -2.95 17.23 7.71
N VAL B 197 -3.70 18.20 7.17
CA VAL B 197 -4.87 18.69 7.86
C VAL B 197 -5.86 17.56 8.12
N CYS B 198 -6.10 16.74 7.10
CA CYS B 198 -7.04 15.63 7.24
C CYS B 198 -6.59 14.66 8.32
N GLN B 199 -5.31 14.34 8.35
CA GLN B 199 -4.79 13.46 9.39
C GLN B 199 -4.99 14.05 10.79
N LYS B 200 -4.76 15.35 10.95
CA LYS B 200 -4.94 15.99 12.25
C LYS B 200 -6.37 15.96 12.78
N PHE B 201 -7.33 16.02 11.87
CA PHE B 201 -8.77 15.97 12.21
C PHE B 201 -9.38 14.57 12.12
N GLY B 202 -8.58 13.57 11.75
CA GLY B 202 -9.06 12.20 11.65
C GLY B 202 -10.01 11.97 10.49
N VAL B 203 -9.81 12.69 9.39
CA VAL B 203 -10.67 12.65 8.22
C VAL B 203 -9.94 11.87 7.11
N PRO B 204 -10.54 10.79 6.58
CA PRO B 204 -9.92 10.07 5.47
C PRO B 204 -9.64 10.97 4.27
N CYS B 205 -8.46 10.81 3.68
CA CYS B 205 -8.00 11.64 2.58
C CYS B 205 -7.38 10.75 1.48
N CYS B 206 -7.66 11.09 0.23
CA CYS B 206 -7.01 10.51 -0.92
C CYS B 206 -6.53 11.67 -1.78
N VAL B 207 -5.27 11.60 -2.24
CA VAL B 207 -4.71 12.59 -3.14
C VAL B 207 -4.43 11.95 -4.50
N LEU B 208 -5.14 12.41 -5.52
CA LEU B 208 -4.98 11.97 -6.90
C LEU B 208 -4.31 13.05 -7.72
N ARG B 209 -3.34 12.69 -8.54
CA ARG B 209 -2.70 13.65 -9.44
C ARG B 209 -2.47 13.02 -10.80
N SER B 210 -2.62 13.82 -11.85
CA SER B 210 -2.26 13.44 -13.21
C SER B 210 -1.05 14.26 -13.64
N ILE B 211 -0.09 13.63 -14.30
CA ILE B 211 1.18 14.28 -14.62
C ILE B 211 1.02 15.36 -15.71
N SER B 212 1.49 16.56 -15.43
CA SER B 212 1.49 17.66 -16.42
C SER B 212 2.86 18.01 -16.99
N ASP B 213 3.94 17.55 -16.35
CA ASP B 213 5.30 17.95 -16.70
C ASP B 213 6.29 17.06 -16.00
N ASN B 214 7.56 17.25 -16.33
CA ASN B 214 8.64 16.44 -15.78
C ASN B 214 9.50 17.21 -14.76
N ALA B 215 9.00 18.33 -14.24
CA ALA B 215 9.65 19.04 -13.12
C ALA B 215 11.09 19.46 -13.44
N ASP B 216 11.37 19.69 -14.72
CA ASP B 216 12.70 20.01 -15.23
C ASP B 216 12.64 21.41 -15.86
N GLU B 217 13.68 21.76 -16.61
N GLU B 217 13.70 21.82 -16.57
CA GLU B 217 13.82 23.11 -17.13
CA GLU B 217 13.75 23.21 -17.11
C GLU B 217 12.69 23.52 -18.10
C GLU B 217 12.63 23.55 -18.09
N LYS B 218 12.05 22.54 -18.75
CA LYS B 218 10.89 22.77 -19.62
C LYS B 218 9.54 22.65 -18.91
N ALA B 219 9.53 22.50 -17.60
CA ALA B 219 8.28 22.20 -16.88
C ALA B 219 7.24 23.29 -16.97
N GLY B 220 7.64 24.56 -16.98
CA GLY B 220 6.65 25.64 -17.10
C GLY B 220 5.86 25.56 -18.40
N MET B 221 6.58 25.35 -19.49
CA MET B 221 5.95 25.22 -20.82
C MET B 221 5.12 23.95 -20.92
N SER B 222 5.63 22.84 -20.40
CA SER B 222 4.86 21.57 -20.39
C SER B 222 3.60 21.71 -19.56
N PHE B 223 3.71 22.30 -18.38
CA PHE B 223 2.55 22.55 -17.53
C PHE B 223 1.48 23.35 -18.28
N ASP B 224 1.89 24.42 -18.95
CA ASP B 224 0.89 25.25 -19.67
C ASP B 224 0.22 24.45 -20.78
N GLU B 225 0.98 23.58 -21.43
CA GLU B 225 0.45 22.77 -22.53
C GLU B 225 -0.54 21.70 -22.05
N PHE B 226 -0.21 21.03 -20.93
CA PHE B 226 -0.95 19.84 -20.49
C PHE B 226 -1.88 20.01 -19.30
N LEU B 227 -1.92 21.19 -18.69
CA LEU B 227 -2.83 21.43 -17.55
C LEU B 227 -4.25 20.97 -17.82
N GLU B 228 -4.82 21.41 -18.95
CA GLU B 228 -6.22 21.13 -19.26
C GLU B 228 -6.48 19.62 -19.33
N LYS B 229 -5.67 18.93 -20.13
CA LYS B 229 -5.88 17.49 -20.36
C LYS B 229 -5.64 16.71 -19.07
N SER B 230 -4.52 16.99 -18.40
CA SER B 230 -4.21 16.27 -17.16
C SER B 230 -5.23 16.55 -16.05
N ALA B 231 -5.68 17.80 -15.93
CA ALA B 231 -6.75 18.12 -14.98
C ALA B 231 -8.03 17.33 -15.24
N HIS B 232 -8.38 17.18 -16.52
CA HIS B 232 -9.56 16.43 -16.88
C HIS B 232 -9.40 14.92 -16.55
N THR B 233 -8.22 14.38 -16.85
CA THR B 233 -7.92 12.99 -16.50
C THR B 233 -8.10 12.71 -15.02
N SER B 234 -7.55 13.58 -14.17
CA SER B 234 -7.72 13.41 -12.74
C SER B 234 -9.16 13.60 -12.32
N ALA B 235 -9.82 14.61 -12.88
CA ALA B 235 -11.23 14.88 -12.54
C ALA B 235 -12.15 13.71 -12.84
N LYS B 236 -11.97 13.12 -14.02
CA LYS B 236 -12.74 11.97 -14.47
C LYS B 236 -12.58 10.81 -13.48
N PHE B 237 -11.34 10.59 -13.05
CA PHE B 237 -11.09 9.51 -12.10
C PHE B 237 -11.69 9.79 -10.73
N LEU B 238 -11.59 11.03 -10.26
CA LEU B 238 -12.20 11.39 -9.00
C LEU B 238 -13.70 11.16 -9.05
N LYS B 239 -14.34 11.57 -10.14
CA LYS B 239 -15.79 11.35 -10.29
C LYS B 239 -16.11 9.85 -10.20
N SER B 240 -15.30 9.02 -10.85
CA SER B 240 -15.54 7.57 -10.81
C SER B 240 -15.44 7.02 -9.39
N MET B 241 -14.57 7.61 -8.55
CA MET B 241 -14.50 7.21 -7.14
C MET B 241 -15.76 7.60 -6.39
N VAL B 242 -16.20 8.84 -6.58
CA VAL B 242 -17.39 9.32 -5.89
C VAL B 242 -18.62 8.46 -6.26
N ASP B 243 -18.68 8.02 -7.51
CA ASP B 243 -19.76 7.11 -7.96
C ASP B 243 -19.85 5.80 -7.16
N GLU B 244 -18.74 5.36 -6.56
CA GLU B 244 -18.69 4.14 -5.75
C GLU B 244 -18.75 4.35 -4.24
N LEU B 245 -18.82 5.60 -3.77
CA LEU B 245 -18.87 5.86 -2.35
C LEU B 245 -20.29 5.73 -1.79
C1 EDO C . 15.13 -27.99 11.35
O1 EDO C . 15.46 -26.63 11.14
C2 EDO C . 14.56 -28.51 10.06
O2 EDO C . 13.36 -27.77 9.80
C1 EDO D . -14.01 -23.62 0.70
O1 EDO D . -13.96 -24.83 -0.07
C2 EDO D . -15.35 -23.39 1.36
O2 EDO D . -16.24 -24.51 1.21
C1 EDO E . -14.88 -18.87 2.60
O1 EDO E . -15.30 -19.90 1.69
C2 EDO E . -15.41 -17.50 2.16
O2 EDO E . -14.93 -17.00 0.93
C1 EDO F . -14.06 -3.81 0.58
O1 EDO F . -14.57 -3.97 1.91
C2 EDO F . -15.01 -4.44 -0.43
O2 EDO F . -14.54 -4.27 -1.77
C1 EDO G . -10.28 -32.37 13.92
O1 EDO G . -9.58 -32.00 15.11
C2 EDO G . -9.29 -32.76 12.83
O2 EDO G . -9.16 -34.19 12.73
C1 EDO H . 4.44 -9.51 -9.90
O1 EDO H . 5.57 -10.35 -9.78
C2 EDO H . 3.63 -9.70 -11.19
O2 EDO H . 4.42 -9.39 -12.35
C1 EDO I . 7.48 6.33 3.47
O1 EDO I . 8.06 5.34 4.33
C2 EDO I . 6.44 5.70 2.54
O2 EDO I . 7.09 4.96 1.51
O OS5 J . -3.26 -12.37 -0.90
C15 OS5 J . -4.57 -12.50 -0.32
C14 OS5 J . -4.49 -13.24 1.01
N OS5 J . -3.98 -12.16 1.87
C7 OS5 J . -4.08 -12.46 3.30
C8 OS5 J . -5.41 -12.37 4.03
C13 OS5 J . -6.53 -13.19 4.05
N4 OS5 J . -6.74 -14.33 3.33
C12 OS5 J . -7.90 -14.95 3.51
N3 OS5 J . -8.86 -14.52 4.34
C11 OS5 J . -8.68 -13.39 5.08
N2 OS5 J . -9.67 -13.01 5.92
C10 OS5 J . -7.46 -12.70 4.94
N1 OS5 J . -6.94 -11.56 5.46
C9 OS5 J . -5.71 -11.36 4.92
C6 OS5 J . -4.60 -10.89 1.44
C5 OS5 J . -5.16 -11.14 0.05
C4 OS5 J . -6.68 -11.15 0.13
S OS5 J . -7.44 -10.92 -1.43
C3 OS5 J . -7.27 -9.17 -1.68
C2 OS5 J . -7.87 -8.67 -2.99
C1 OS5 J . -7.61 -7.17 -3.03
C OS5 J . -8.06 -6.53 -4.32
N5 OS5 J . -9.23 -6.77 -4.95
N7 OS5 J . -9.26 -5.99 -6.12
N6 OS5 J . -8.06 -5.28 -6.11
C16 OS5 J . -7.33 -5.60 -5.05
C17 OS5 J . -7.86 -4.36 -7.22
C18 OS5 J . -6.58 -4.67 -7.95
C23 OS5 J . -6.62 -5.49 -9.08
C22 OS5 J . -5.46 -5.77 -9.79
C21 OS5 J . -4.24 -5.23 -9.35
C20 OS5 J . -4.19 -4.40 -8.22
C19 OS5 J . -5.36 -4.12 -7.52
C1 EDO K . -11.27 31.37 -4.72
O1 EDO K . -12.60 31.90 -4.75
C2 EDO K . -11.40 29.87 -4.90
O2 EDO K . -11.98 29.26 -3.76
C1 EDO L . 13.55 24.96 -1.31
O1 EDO L . 13.50 25.80 -0.14
C2 EDO L . 14.71 25.39 -2.19
O2 EDO L . 14.89 24.40 -3.20
C1 EDO M . -29.67 19.12 -9.04
O1 EDO M . -28.86 18.48 -8.04
C2 EDO M . -29.25 18.64 -10.43
O2 EDO M . -30.27 17.81 -11.00
C1 EDO N . -6.16 10.95 7.30
O1 EDO N . -7.27 10.45 8.07
C2 EDO N . -5.99 10.25 5.95
O2 EDO N . -6.77 9.09 5.70
C1 EDO O . -6.05 -2.34 -2.13
O1 EDO O . -5.02 -3.19 -1.65
C2 EDO O . -6.61 -2.98 -3.38
O2 EDO O . -7.83 -2.37 -3.87
N NH4 P . 7.10 26.58 2.37
O OS5 Q . -0.89 24.49 -7.87
C15 OS5 Q . 0.44 24.55 -8.36
C14 OS5 Q . 1.09 23.20 -8.14
N OS5 Q . 0.47 22.41 -9.22
C7 OS5 Q . 1.09 21.09 -9.47
C8 OS5 Q . 2.42 21.01 -10.17
C13 OS5 Q . 3.72 21.28 -9.75
N4 OS5 Q . 4.14 21.75 -8.55
C12 OS5 Q . 5.46 21.93 -8.42
N3 OS5 Q . 6.36 21.68 -9.38
C11 OS5 Q . 5.97 21.18 -10.59
N2 OS5 Q . 6.88 20.92 -11.55
C10 OS5 Q . 4.61 20.97 -10.77
N1 OS5 Q . 3.86 20.52 -11.84
C9 OS5 Q . 2.56 20.55 -11.46
C6 OS5 Q . 0.34 23.31 -10.41
C5 OS5 Q . 0.51 24.72 -9.87
C4 OS5 Q . 1.84 25.29 -10.36
S OS5 Q . 1.90 27.05 -10.32
C3 OS5 Q . 0.92 27.50 -11.74
C2 OS5 Q . 0.96 29.00 -12.02
C1 OS5 Q . 0.50 29.21 -13.46
C OS5 Q . 0.05 30.63 -13.71
N5 OS5 Q . 0.74 31.73 -13.40
N7 OS5 Q . -0.01 32.86 -13.79
N6 OS5 Q . -1.16 32.32 -14.37
C16 OS5 Q . -1.14 30.99 -14.33
C17 OS5 Q . -2.13 33.30 -14.89
C18 OS5 Q . -2.91 33.93 -13.78
C23 OS5 Q . -2.37 35.03 -13.11
C22 OS5 Q . -3.09 35.63 -12.06
C21 OS5 Q . -4.36 35.12 -11.71
C20 OS5 Q . -4.90 34.03 -12.38
C19 OS5 Q . -4.17 33.43 -13.42
#